data_5ZUE
#
_entry.id   5ZUE
#
_cell.length_a   100.526
_cell.length_b   100.526
_cell.length_c   138.341
_cell.angle_alpha   90.00
_cell.angle_beta   90.00
_cell.angle_gamma   120.00
#
_symmetry.space_group_name_H-M   'P 65 2 2'
#
loop_
_entity.id
_entity.type
_entity.pdbx_description
1 polymer 'Cell division protein FtsZ'
2 non-polymer "GUANOSINE-5'-TRIPHOSPHATE"
#
_entity_poly.entity_id   1
_entity_poly.type   'polypeptide(L)'
_entity_poly.pdbx_seq_one_letter_code
;MTPPHNYLAVIKVVGIGGGGVNAVNRMIEQGLKGVEFIAINTDAQALLMSDADVKLDVGRDSTRGLGAGADPEVGRKAAE
DAKDEIEELLRGADMVLVTAGEGGGTGTGGAPVVASIARKLGALTVGVVTRPFSFEGKRRSNQAENGIAALRESCDTLIV
IPNDRLLQMGDAAVSLMDAFRSADEVLLNGVQGITDLITTPGLINVDFADVKGIMSGAGTALMGIGSARGEGRSLKAAEI
AINSPLLEASMEGAQGVLMSIAGGSDLGLFEINEAASLVQDAAHPDANIIFGTVIDDSLGDEVRVTVIAAGFDVSGPGRK
PVMGETGGAHRIESAKAGKLTSTLFEPVDAVSVPLHTNGATLSIGGDDDDVDVPPFMRR
;
_entity_poly.pdbx_strand_id   A
#
# COMPACT_ATOMS: atom_id res chain seq x y z
N PRO A 4 6.61 28.45 -8.11
CA PRO A 4 6.82 27.42 -7.09
C PRO A 4 8.30 27.12 -6.81
N HIS A 5 8.74 27.37 -5.58
CA HIS A 5 10.06 26.92 -5.15
C HIS A 5 10.04 25.40 -4.98
N ASN A 6 11.18 24.86 -4.58
CA ASN A 6 11.31 23.42 -4.44
C ASN A 6 10.89 22.96 -3.05
N TYR A 7 10.35 21.75 -2.97
CA TYR A 7 9.84 21.22 -1.72
C TYR A 7 10.00 19.70 -1.72
N LEU A 8 10.49 19.16 -0.61
CA LEU A 8 10.64 17.73 -0.42
C LEU A 8 9.52 17.22 0.46
N ALA A 9 8.71 16.31 -0.08
CA ALA A 9 7.64 15.69 0.71
C ALA A 9 8.23 14.67 1.67
N VAL A 10 7.89 14.79 2.94
CA VAL A 10 8.33 13.85 3.97
C VAL A 10 7.28 12.76 4.10
N ILE A 11 7.66 11.53 3.80
CA ILE A 11 6.75 10.40 3.70
C ILE A 11 7.18 9.34 4.70
N LYS A 12 6.21 8.79 5.44
CA LYS A 12 6.48 7.75 6.42
C LYS A 12 5.60 6.55 6.15
N VAL A 13 6.17 5.35 6.29
CA VAL A 13 5.50 4.10 6.02
C VAL A 13 5.53 3.29 7.31
N VAL A 14 4.37 3.11 7.94
CA VAL A 14 4.28 2.41 9.21
C VAL A 14 3.56 1.08 8.98
N GLY A 15 4.29 -0.02 9.16
CA GLY A 15 3.68 -1.34 9.24
C GLY A 15 3.30 -1.64 10.68
N ILE A 16 2.17 -2.31 10.85
CA ILE A 16 1.61 -2.56 12.17
C ILE A 16 1.10 -3.98 12.21
N GLY A 17 1.38 -4.69 13.31
CA GLY A 17 1.12 -6.11 13.39
C GLY A 17 2.19 -6.91 12.65
N GLY A 18 2.12 -8.22 12.83
CA GLY A 18 3.10 -9.09 12.19
C GLY A 18 3.09 -8.95 10.68
N GLY A 19 1.89 -8.99 10.08
CA GLY A 19 1.80 -8.86 8.63
C GLY A 19 2.35 -7.53 8.15
N GLY A 20 2.00 -6.44 8.83
CA GLY A 20 2.54 -5.14 8.44
C GLY A 20 4.04 -5.09 8.49
N VAL A 21 4.63 -5.59 9.58
CA VAL A 21 6.06 -5.45 9.78
C VAL A 21 6.84 -6.37 8.83
N ASN A 22 6.31 -7.57 8.56
CA ASN A 22 6.95 -8.44 7.58
C ASN A 22 7.02 -7.77 6.22
N ALA A 23 5.98 -7.01 5.85
CA ALA A 23 5.97 -6.35 4.56
C ALA A 23 6.94 -5.17 4.53
N VAL A 24 6.96 -4.36 5.60
CA VAL A 24 7.97 -3.30 5.69
C VAL A 24 9.36 -3.91 5.58
N ASN A 25 9.56 -5.09 6.17
CA ASN A 25 10.84 -5.80 6.02
C ASN A 25 11.14 -6.06 4.54
N ARG A 26 10.12 -6.41 3.76
CA ARG A 26 10.34 -6.67 2.34
C ARG A 26 10.61 -5.38 1.58
N MET A 27 10.04 -4.25 2.02
CA MET A 27 10.36 -2.98 1.40
C MET A 27 11.82 -2.61 1.63
N ILE A 28 12.34 -2.89 2.83
CA ILE A 28 13.74 -2.59 3.12
C ILE A 28 14.64 -3.39 2.22
N GLU A 29 14.43 -4.71 2.16
CA GLU A 29 15.29 -5.59 1.38
C GLU A 29 15.33 -5.16 -0.09
N GLN A 30 14.20 -4.75 -0.65
CA GLN A 30 14.13 -4.34 -2.05
C GLN A 30 14.36 -2.85 -2.25
N GLY A 31 14.81 -2.15 -1.22
CA GLY A 31 15.23 -0.77 -1.36
C GLY A 31 14.14 0.19 -1.77
N LEU A 32 13.11 0.35 -0.94
CA LEU A 32 12.17 1.44 -1.08
C LEU A 32 12.76 2.67 -0.41
N LYS A 33 12.60 3.82 -1.05
CA LYS A 33 13.34 5.00 -0.64
C LYS A 33 12.45 6.23 -0.73
N GLY A 34 12.98 7.34 -0.19
CA GLY A 34 12.18 8.53 0.05
C GLY A 34 11.34 8.46 1.30
N VAL A 35 11.39 7.35 2.04
CA VAL A 35 10.42 7.06 3.09
C VAL A 35 11.15 6.62 4.35
N GLU A 36 10.67 7.12 5.50
CA GLU A 36 11.12 6.66 6.80
C GLU A 36 10.21 5.54 7.26
N PHE A 37 10.79 4.38 7.55
CA PHE A 37 10.01 3.20 7.93
C PHE A 37 9.79 3.16 9.44
N ILE A 38 8.64 2.61 9.82
CA ILE A 38 8.23 2.52 11.23
C ILE A 38 7.51 1.20 11.46
N ALA A 39 8.09 0.32 12.28
CA ALA A 39 7.44 -0.93 12.64
C ALA A 39 6.71 -0.77 13.97
N ILE A 40 5.58 -1.45 14.09
CA ILE A 40 4.76 -1.40 15.30
C ILE A 40 4.16 -2.77 15.55
N ASN A 41 4.33 -3.30 16.76
CA ASN A 41 3.69 -4.56 17.11
C ASN A 41 3.53 -4.64 18.62
N THR A 42 2.70 -5.58 19.05
CA THR A 42 2.61 -5.97 20.45
C THR A 42 3.56 -7.13 20.78
N ASP A 43 3.68 -8.08 19.86
CA ASP A 43 4.72 -9.11 19.94
C ASP A 43 6.09 -8.42 20.03
N ALA A 44 6.74 -8.51 21.19
CA ALA A 44 8.05 -7.89 21.33
C ALA A 44 9.12 -8.71 20.61
N GLN A 45 8.97 -10.04 20.58
CA GLN A 45 9.95 -10.85 19.86
C GLN A 45 9.94 -10.55 18.37
N ALA A 46 8.75 -10.31 17.80
CA ALA A 46 8.66 -10.06 16.37
C ALA A 46 9.25 -8.70 16.00
N LEU A 47 9.20 -7.73 16.91
CA LEU A 47 9.72 -6.40 16.60
C LEU A 47 11.24 -6.39 16.47
N LEU A 48 11.93 -7.26 17.21
CA LEU A 48 13.38 -7.13 17.38
C LEU A 48 14.20 -7.66 16.20
N MET A 49 13.57 -8.24 15.19
CA MET A 49 14.22 -8.48 13.91
C MET A 49 13.55 -7.72 12.77
N SER A 50 12.67 -6.78 13.08
CA SER A 50 12.30 -5.75 12.11
C SER A 50 13.51 -4.88 11.82
N ASP A 51 13.75 -4.62 10.53
CA ASP A 51 14.89 -3.83 10.11
C ASP A 51 14.52 -2.36 9.92
N ALA A 52 13.41 -1.92 10.52
CA ALA A 52 12.96 -0.55 10.35
C ALA A 52 13.84 0.41 11.14
N ASP A 53 13.88 1.65 10.68
CA ASP A 53 14.63 2.69 11.38
C ASP A 53 14.02 3.01 12.73
N VAL A 54 12.72 2.77 12.90
CA VAL A 54 12.03 3.07 14.15
C VAL A 54 11.11 1.91 14.48
N LYS A 55 11.24 1.38 15.70
CA LYS A 55 10.34 0.36 16.22
C LYS A 55 9.60 0.91 17.43
N LEU A 56 8.49 0.28 17.77
CA LEU A 56 7.71 0.70 18.94
C LEU A 56 6.70 -0.35 19.38
N ASP A 57 6.84 -0.83 20.62
CA ASP A 57 5.86 -1.73 21.21
C ASP A 57 4.75 -0.92 21.89
N VAL A 58 3.56 -1.50 21.96
CA VAL A 58 2.37 -0.78 22.40
C VAL A 58 1.71 -1.52 23.55
N GLY A 59 1.36 -0.76 24.59
CA GLY A 59 0.64 -1.28 25.74
C GLY A 59 1.26 -2.49 26.42
N ARG A 60 2.52 -2.36 26.84
CA ARG A 60 3.20 -3.48 27.48
C ARG A 60 2.41 -4.04 28.66
N ASP A 61 1.85 -3.15 29.49
CA ASP A 61 0.98 -3.61 30.57
C ASP A 61 -0.15 -4.47 30.03
N SER A 62 -0.75 -4.05 28.91
CA SER A 62 -1.91 -4.77 28.37
C SER A 62 -1.55 -6.19 27.97
N THR A 63 -0.32 -6.40 27.48
CA THR A 63 0.04 -7.65 26.84
C THR A 63 1.26 -8.35 27.42
N ARG A 64 2.09 -7.67 28.22
CA ARG A 64 3.39 -8.20 28.62
C ARG A 64 4.24 -8.58 27.42
N GLY A 65 3.91 -8.00 26.26
CA GLY A 65 4.66 -8.25 25.03
C GLY A 65 4.43 -9.61 24.41
N LEU A 66 3.17 -10.05 24.32
CA LEU A 66 2.85 -11.35 23.72
C LEU A 66 2.14 -11.25 22.39
N GLY A 67 1.48 -10.14 22.11
CA GLY A 67 0.57 -10.02 20.99
C GLY A 67 -0.77 -9.50 21.48
N ALA A 68 -1.81 -9.74 20.68
CA ALA A 68 -3.17 -9.39 21.07
C ALA A 68 -4.13 -10.58 21.06
N GLY A 69 -3.65 -11.78 20.73
CA GLY A 69 -4.49 -12.95 20.78
C GLY A 69 -5.68 -12.91 19.85
N ALA A 70 -5.52 -12.29 18.68
CA ALA A 70 -6.59 -12.22 17.68
C ALA A 70 -7.78 -11.43 18.18
N ASP A 71 -7.55 -10.52 19.13
CA ASP A 71 -8.63 -9.70 19.70
C ASP A 71 -8.44 -8.25 19.29
N PRO A 72 -9.15 -7.77 18.27
CA PRO A 72 -8.91 -6.39 17.80
C PRO A 72 -9.14 -5.31 18.85
N GLU A 73 -10.16 -5.45 19.70
CA GLU A 73 -10.55 -4.36 20.58
C GLU A 73 -9.52 -4.07 21.68
N VAL A 74 -8.46 -4.88 21.80
CA VAL A 74 -7.37 -4.56 22.71
C VAL A 74 -6.19 -4.07 21.87
N GLY A 75 -6.06 -4.61 20.65
CA GLY A 75 -5.15 -4.01 19.70
C GLY A 75 -5.39 -2.54 19.50
N ARG A 76 -6.66 -2.12 19.54
CA ARG A 76 -6.98 -0.71 19.53
C ARG A 76 -6.49 -0.03 20.80
N LYS A 77 -6.90 -0.54 21.96
CA LYS A 77 -6.58 0.13 23.23
C LYS A 77 -5.08 0.24 23.45
N ALA A 78 -4.30 -0.72 22.95
CA ALA A 78 -2.84 -0.61 23.05
C ALA A 78 -2.32 0.59 22.28
N ALA A 79 -2.97 0.95 21.16
CA ALA A 79 -2.51 2.06 20.34
C ALA A 79 -3.00 3.40 20.87
N GLU A 80 -4.21 3.45 21.41
CA GLU A 80 -4.72 4.70 21.97
C GLU A 80 -3.92 5.15 23.19
N ASP A 81 -3.27 4.21 23.88
CA ASP A 81 -2.43 4.52 25.03
C ASP A 81 -0.95 4.55 24.65
N ALA A 82 -0.64 4.50 23.36
CA ALA A 82 0.63 4.98 22.81
C ALA A 82 0.39 6.15 21.87
N LYS A 83 -0.75 6.83 21.99
CA LYS A 83 -1.09 7.89 21.05
C LYS A 83 -0.06 9.00 21.06
N ASP A 84 0.53 9.29 22.23
CA ASP A 84 1.50 10.36 22.32
C ASP A 84 2.82 9.98 21.66
N GLU A 85 3.23 8.72 21.82
CA GLU A 85 4.44 8.25 21.17
C GLU A 85 4.28 8.23 19.65
N ILE A 86 3.10 7.83 19.17
CA ILE A 86 2.85 7.79 17.73
C ILE A 86 2.83 9.20 17.15
N GLU A 87 2.12 10.11 17.82
CA GLU A 87 1.91 11.44 17.28
C GLU A 87 3.23 12.20 17.08
N GLU A 88 4.25 11.88 17.88
CA GLU A 88 5.54 12.53 17.73
C GLU A 88 6.48 11.77 16.80
N LEU A 89 6.26 10.46 16.60
CA LEU A 89 6.97 9.75 15.55
C LEU A 89 6.56 10.22 14.18
N LEU A 90 5.35 10.80 14.05
CA LEU A 90 4.81 11.23 12.77
C LEU A 90 4.72 12.75 12.65
N ARG A 91 5.37 13.51 13.54
CA ARG A 91 5.17 14.95 13.56
C ARG A 91 5.60 15.57 12.24
N GLY A 92 4.65 16.23 11.58
CA GLY A 92 4.96 17.03 10.41
C GLY A 92 5.15 16.27 9.11
N ALA A 93 4.64 15.05 9.02
CA ALA A 93 4.67 14.34 7.74
C ALA A 93 3.67 14.95 6.78
N ASP A 94 3.99 14.86 5.49
CA ASP A 94 3.05 15.20 4.44
C ASP A 94 2.24 14.00 3.98
N MET A 95 2.74 12.79 4.24
CA MET A 95 2.07 11.57 3.81
C MET A 95 2.49 10.42 4.71
N VAL A 96 1.51 9.74 5.30
CA VAL A 96 1.74 8.54 6.08
C VAL A 96 0.98 7.40 5.43
N LEU A 97 1.65 6.26 5.26
CA LEU A 97 1.01 5.06 4.74
C LEU A 97 1.01 4.00 5.83
N VAL A 98 -0.19 3.47 6.12
CA VAL A 98 -0.36 2.45 7.14
C VAL A 98 -0.50 1.10 6.44
N THR A 99 0.41 0.18 6.73
CA THR A 99 0.34 -1.17 6.20
C THR A 99 0.00 -2.16 7.30
N ALA A 100 -0.74 -3.21 6.94
CA ALA A 100 -1.15 -4.22 7.89
C ALA A 100 -1.83 -5.36 7.14
N GLY A 101 -1.61 -6.60 7.62
CA GLY A 101 -2.52 -7.68 7.28
C GLY A 101 -3.71 -7.60 8.21
N GLU A 102 -4.91 -7.60 7.63
CA GLU A 102 -6.12 -7.44 8.42
C GLU A 102 -6.69 -8.80 8.79
N GLY A 103 -7.25 -8.89 10.01
CA GLY A 103 -7.73 -10.14 10.55
C GLY A 103 -7.11 -10.51 11.89
N GLY A 104 -5.90 -10.03 12.17
CA GLY A 104 -5.25 -10.26 13.44
C GLY A 104 -5.83 -9.39 14.54
N GLY A 105 -5.02 -9.18 15.57
CA GLY A 105 -5.47 -8.42 16.73
C GLY A 105 -4.92 -7.01 16.77
N THR A 106 -3.61 -6.85 16.59
CA THR A 106 -2.99 -5.54 16.74
C THR A 106 -3.10 -4.71 15.45
N GLY A 107 -2.85 -5.32 14.30
CA GLY A 107 -3.01 -4.62 13.04
C GLY A 107 -4.43 -4.16 12.83
N THR A 108 -5.37 -5.10 12.92
CA THR A 108 -6.78 -4.76 12.73
C THR A 108 -7.22 -3.67 13.70
N GLY A 109 -6.82 -3.78 14.96
CA GLY A 109 -7.27 -2.84 15.97
C GLY A 109 -6.45 -1.56 16.02
N GLY A 110 -5.15 -1.65 15.74
CA GLY A 110 -4.28 -0.50 15.86
C GLY A 110 -4.28 0.40 14.65
N ALA A 111 -4.46 -0.16 13.45
CA ALA A 111 -4.32 0.63 12.24
C ALA A 111 -5.26 1.83 12.19
N PRO A 112 -6.56 1.69 12.50
CA PRO A 112 -7.42 2.88 12.51
C PRO A 112 -6.93 3.99 13.41
N VAL A 113 -6.18 3.65 14.47
CA VAL A 113 -5.71 4.66 15.41
C VAL A 113 -4.53 5.43 14.83
N VAL A 114 -3.54 4.72 14.29
CA VAL A 114 -2.43 5.38 13.60
C VAL A 114 -2.97 6.33 12.53
N ALA A 115 -3.82 5.79 11.64
CA ALA A 115 -4.35 6.58 10.55
C ALA A 115 -5.11 7.81 11.04
N SER A 116 -5.89 7.65 12.11
CA SER A 116 -6.61 8.80 12.66
C SER A 116 -5.64 9.87 13.15
N ILE A 117 -4.51 9.45 13.71
CA ILE A 117 -3.52 10.41 14.20
C ILE A 117 -2.89 11.17 13.03
N ALA A 118 -2.49 10.45 11.99
CA ALA A 118 -1.87 11.10 10.84
C ALA A 118 -2.82 12.09 10.17
N ARG A 119 -4.13 11.85 10.27
CA ARG A 119 -5.07 12.74 9.60
C ARG A 119 -5.34 14.02 10.40
N LYS A 120 -5.21 13.97 11.73
CA LYS A 120 -5.27 15.20 12.49
C LYS A 120 -4.01 16.02 12.29
N LEU A 121 -2.86 15.36 12.16
CA LEU A 121 -1.60 16.02 11.86
C LEU A 121 -1.56 16.63 10.46
N GLY A 122 -2.67 16.66 9.73
CA GLY A 122 -2.70 17.23 8.40
C GLY A 122 -2.03 16.41 7.32
N ALA A 123 -1.48 15.25 7.67
CA ALA A 123 -0.85 14.39 6.68
C ALA A 123 -1.89 13.71 5.80
N LEU A 124 -1.52 13.48 4.55
CA LEU A 124 -2.31 12.63 3.68
C LEU A 124 -2.08 11.18 4.08
N THR A 125 -3.12 10.51 4.56
CA THR A 125 -2.99 9.18 5.14
C THR A 125 -3.62 8.15 4.20
N VAL A 126 -2.81 7.21 3.73
CA VAL A 126 -3.25 6.16 2.82
C VAL A 126 -3.06 4.82 3.53
N GLY A 127 -4.12 4.02 3.56
CA GLY A 127 -4.03 2.67 4.10
C GLY A 127 -3.79 1.66 2.99
N VAL A 128 -2.91 0.70 3.26
CA VAL A 128 -2.59 -0.38 2.32
C VAL A 128 -2.63 -1.68 3.11
N VAL A 129 -3.69 -2.46 2.91
CA VAL A 129 -3.95 -3.64 3.74
C VAL A 129 -4.35 -4.81 2.84
N THR A 130 -4.33 -6.00 3.43
CA THR A 130 -4.77 -7.22 2.75
C THR A 130 -6.03 -7.75 3.41
N ARG A 131 -6.87 -8.40 2.60
CA ARG A 131 -7.87 -9.29 3.14
C ARG A 131 -7.25 -10.68 3.34
N PRO A 132 -7.53 -11.35 4.45
CA PRO A 132 -6.92 -12.66 4.69
C PRO A 132 -7.36 -13.67 3.65
N PHE A 133 -6.54 -14.71 3.50
CA PHE A 133 -6.93 -15.85 2.67
C PHE A 133 -8.17 -16.51 3.26
N SER A 134 -8.98 -17.09 2.38
CA SER A 134 -10.14 -17.82 2.85
C SER A 134 -9.74 -19.01 3.71
N PHE A 135 -8.57 -19.60 3.43
CA PHE A 135 -8.17 -20.80 4.18
C PHE A 135 -7.73 -20.48 5.60
N GLU A 136 -7.77 -19.21 6.03
CA GLU A 136 -7.46 -18.87 7.42
C GLU A 136 -8.70 -18.84 8.30
N GLY A 137 -9.85 -19.25 7.78
CA GLY A 137 -11.06 -19.35 8.57
C GLY A 137 -11.94 -18.11 8.49
N LYS A 138 -13.17 -18.28 8.97
CA LYS A 138 -14.18 -17.23 8.89
C LYS A 138 -14.01 -16.18 9.98
N ARG A 139 -13.52 -16.57 11.16
CA ARG A 139 -13.30 -15.57 12.21
C ARG A 139 -12.25 -14.55 11.78
N ARG A 140 -11.25 -14.99 11.02
CA ARG A 140 -10.26 -14.07 10.50
C ARG A 140 -10.86 -13.16 9.44
N SER A 141 -11.74 -13.71 8.61
CA SER A 141 -12.39 -12.90 7.57
C SER A 141 -13.36 -11.90 8.17
N ASN A 142 -14.09 -12.29 9.22
CA ASN A 142 -15.01 -11.36 9.88
C ASN A 142 -14.25 -10.24 10.57
N GLN A 143 -13.18 -10.58 11.31
CA GLN A 143 -12.43 -9.57 12.02
C GLN A 143 -11.76 -8.59 11.06
N ALA A 144 -11.29 -9.10 9.92
CA ALA A 144 -10.65 -8.22 8.93
C ALA A 144 -11.66 -7.22 8.37
N GLU A 145 -12.85 -7.70 8.01
CA GLU A 145 -13.87 -6.82 7.43
C GLU A 145 -14.32 -5.75 8.43
N ASN A 146 -14.20 -6.00 9.73
CA ASN A 146 -14.49 -4.97 10.71
C ASN A 146 -13.36 -3.97 10.83
N GLY A 147 -12.12 -4.42 10.63
CA GLY A 147 -10.99 -3.49 10.69
C GLY A 147 -10.94 -2.58 9.47
N ILE A 148 -11.30 -3.11 8.30
CA ILE A 148 -11.33 -2.30 7.09
C ILE A 148 -12.39 -1.22 7.19
N ALA A 149 -13.56 -1.56 7.75
CA ALA A 149 -14.59 -0.56 7.99
C ALA A 149 -14.09 0.51 8.95
N ALA A 150 -13.50 0.09 10.07
CA ALA A 150 -12.92 1.03 11.02
C ALA A 150 -11.93 1.96 10.34
N LEU A 151 -11.08 1.39 9.48
CA LEU A 151 -9.92 2.12 8.97
C LEU A 151 -10.29 3.05 7.82
N ARG A 152 -11.27 2.69 7.00
CA ARG A 152 -11.63 3.57 5.88
C ARG A 152 -12.22 4.89 6.36
N GLU A 153 -12.73 4.93 7.59
CA GLU A 153 -13.22 6.18 8.19
C GLU A 153 -12.11 6.98 8.86
N SER A 154 -10.88 6.44 8.90
CA SER A 154 -9.74 7.15 9.44
C SER A 154 -8.71 7.48 8.36
N CYS A 155 -9.02 7.19 7.09
CA CYS A 155 -8.10 7.37 5.99
C CYS A 155 -8.66 8.36 4.97
N ASP A 156 -7.76 8.80 4.09
CA ASP A 156 -8.16 9.49 2.87
C ASP A 156 -8.41 8.48 1.75
N THR A 157 -7.54 7.50 1.61
CA THR A 157 -7.70 6.40 0.67
C THR A 157 -7.32 5.11 1.36
N LEU A 158 -8.14 4.07 1.18
CA LEU A 158 -7.83 2.74 1.72
C LEU A 158 -7.73 1.77 0.56
N ILE A 159 -6.53 1.22 0.35
CA ILE A 159 -6.31 0.21 -0.67
C ILE A 159 -6.43 -1.16 -0.01
N VAL A 160 -7.40 -1.95 -0.45
CA VAL A 160 -7.62 -3.29 0.04
C VAL A 160 -7.22 -4.28 -1.06
N ILE A 161 -6.44 -5.28 -0.69
CA ILE A 161 -5.90 -6.25 -1.64
C ILE A 161 -6.43 -7.63 -1.23
N PRO A 162 -7.19 -8.31 -2.08
CA PRO A 162 -7.72 -9.64 -1.69
C PRO A 162 -6.68 -10.73 -1.88
N ASN A 163 -6.17 -11.24 -0.75
CA ASN A 163 -5.17 -12.30 -0.82
C ASN A 163 -5.69 -13.51 -1.59
N ASP A 164 -7.00 -13.71 -1.63
CA ASP A 164 -7.57 -14.86 -2.33
C ASP A 164 -7.11 -14.89 -3.79
N ARG A 165 -7.02 -13.73 -4.44
CA ARG A 165 -6.70 -13.65 -5.85
C ARG A 165 -5.20 -13.62 -6.12
N LEU A 166 -4.36 -13.69 -5.08
CA LEU A 166 -2.95 -13.93 -5.28
C LEU A 166 -2.65 -15.40 -5.55
N LEU A 167 -3.56 -16.29 -5.17
CA LEU A 167 -3.18 -17.70 -5.05
C LEU A 167 -2.99 -18.33 -6.42
N GLN A 168 -3.87 -18.04 -7.38
CA GLN A 168 -3.53 -18.21 -8.78
C GLN A 168 -3.67 -16.83 -9.41
N MET A 169 -2.75 -16.55 -10.33
CA MET A 169 -2.11 -15.25 -10.48
C MET A 169 -0.76 -15.39 -9.75
N GLY A 170 -0.63 -16.43 -8.93
CA GLY A 170 0.69 -16.86 -8.46
C GLY A 170 1.09 -18.11 -9.22
N ASP A 171 1.59 -19.11 -8.51
CA ASP A 171 2.13 -20.31 -9.11
C ASP A 171 1.05 -21.40 -9.21
N ALA A 172 1.47 -22.62 -9.58
CA ALA A 172 0.57 -23.77 -9.61
C ALA A 172 0.55 -24.48 -8.26
N ALA A 173 1.72 -24.84 -7.76
CA ALA A 173 1.86 -25.58 -6.50
C ALA A 173 2.56 -24.68 -5.47
N VAL A 174 1.80 -23.74 -4.94
CA VAL A 174 2.34 -22.80 -3.96
C VAL A 174 2.36 -23.45 -2.58
N SER A 175 3.22 -22.92 -1.72
CA SER A 175 3.30 -23.35 -0.33
C SER A 175 2.81 -22.24 0.58
N LEU A 176 2.57 -22.57 1.85
CA LEU A 176 2.10 -21.57 2.80
C LEU A 176 3.11 -20.44 2.95
N MET A 177 4.37 -20.79 3.23
CA MET A 177 5.41 -19.78 3.35
C MET A 177 5.48 -18.91 2.10
N ASP A 178 5.35 -19.53 0.92
CA ASP A 178 5.39 -18.76 -0.33
C ASP A 178 4.21 -17.81 -0.43
N ALA A 179 3.02 -18.25 0.01
CA ALA A 179 1.82 -17.44 -0.14
C ALA A 179 1.93 -16.13 0.63
N PHE A 180 2.37 -16.20 1.89
CA PHE A 180 2.52 -14.98 2.67
C PHE A 180 3.70 -14.14 2.20
N ARG A 181 4.66 -14.74 1.48
CA ARG A 181 5.70 -13.95 0.84
C ARG A 181 5.13 -13.14 -0.32
N SER A 182 4.27 -13.77 -1.13
CA SER A 182 3.60 -13.06 -2.20
C SER A 182 2.85 -11.85 -1.66
N ALA A 183 2.08 -12.06 -0.59
CA ALA A 183 1.36 -10.95 0.04
C ALA A 183 2.29 -9.87 0.54
N ASP A 184 3.54 -10.21 0.83
CA ASP A 184 4.51 -9.19 1.24
C ASP A 184 4.89 -8.28 0.09
N GLU A 185 5.02 -8.86 -1.12
CA GLU A 185 5.40 -8.07 -2.28
C GLU A 185 4.25 -7.24 -2.81
N VAL A 186 3.01 -7.71 -2.65
CA VAL A 186 1.85 -6.97 -3.13
C VAL A 186 1.70 -5.68 -2.32
N LEU A 187 1.76 -5.80 -0.99
CA LEU A 187 1.76 -4.61 -0.15
C LEU A 187 2.90 -3.66 -0.56
N LEU A 188 4.07 -4.22 -0.86
CA LEU A 188 5.16 -3.39 -1.37
C LEU A 188 4.77 -2.71 -2.67
N ASN A 189 4.24 -3.48 -3.62
CA ASN A 189 3.74 -2.88 -4.86
C ASN A 189 2.68 -1.83 -4.59
N GLY A 190 1.93 -1.97 -3.51
CA GLY A 190 0.88 -1.01 -3.21
C GLY A 190 1.43 0.34 -2.81
N VAL A 191 2.37 0.37 -1.86
CA VAL A 191 2.94 1.64 -1.42
C VAL A 191 4.00 2.13 -2.40
N GLN A 192 4.79 1.21 -2.97
CA GLN A 192 5.78 1.61 -3.97
C GLN A 192 5.10 2.21 -5.19
N GLY A 193 3.92 1.71 -5.55
CA GLY A 193 3.18 2.31 -6.65
C GLY A 193 2.84 3.77 -6.41
N ILE A 194 2.69 4.15 -5.14
CA ILE A 194 2.29 5.52 -4.80
C ILE A 194 3.51 6.39 -4.55
N THR A 195 4.35 6.00 -3.59
CA THR A 195 5.45 6.86 -3.16
C THR A 195 6.42 7.14 -4.31
N ASP A 196 6.79 6.11 -5.07
CA ASP A 196 7.82 6.29 -6.09
C ASP A 196 7.43 7.32 -7.15
N LEU A 197 6.16 7.69 -7.26
CA LEU A 197 5.80 8.85 -8.08
C LEU A 197 6.36 10.14 -7.48
N ILE A 198 6.23 10.29 -6.16
CA ILE A 198 6.67 11.49 -5.48
C ILE A 198 8.19 11.55 -5.41
N THR A 199 8.83 10.41 -5.14
CA THR A 199 10.22 10.40 -4.73
C THR A 199 11.19 10.02 -5.84
N THR A 200 10.72 9.44 -6.94
CA THR A 200 11.61 8.99 -7.99
C THR A 200 10.97 9.25 -9.35
N PRO A 201 10.50 10.47 -9.61
CA PRO A 201 9.81 10.73 -10.88
C PRO A 201 10.71 10.52 -12.09
N GLY A 202 10.13 10.04 -13.16
CA GLY A 202 10.80 9.87 -14.44
C GLY A 202 10.50 11.02 -15.38
N LEU A 203 10.31 10.68 -16.66
CA LEU A 203 10.11 11.72 -17.68
C LEU A 203 8.86 12.54 -17.40
N ILE A 204 7.75 11.88 -17.10
CA ILE A 204 6.49 12.55 -16.79
C ILE A 204 6.32 12.51 -15.27
N ASN A 205 6.52 13.65 -14.62
CA ASN A 205 6.61 13.71 -13.16
C ASN A 205 5.37 14.40 -12.60
N VAL A 206 4.63 13.67 -11.75
CA VAL A 206 3.52 14.25 -11.02
C VAL A 206 4.03 14.93 -9.77
N ASP A 207 3.47 16.09 -9.44
CA ASP A 207 3.81 16.75 -8.20
C ASP A 207 3.08 16.09 -7.04
N PHE A 208 3.44 16.48 -5.82
CA PHE A 208 2.80 15.90 -4.65
C PHE A 208 1.32 16.28 -4.57
N ALA A 209 0.99 17.50 -4.97
CA ALA A 209 -0.37 18.01 -4.78
C ALA A 209 -1.37 17.42 -5.76
N ASP A 210 -0.91 16.87 -6.89
CA ASP A 210 -1.83 16.14 -7.77
C ASP A 210 -2.24 14.81 -7.14
N VAL A 211 -1.28 14.10 -6.55
CA VAL A 211 -1.61 12.88 -5.81
C VAL A 211 -2.56 13.20 -4.66
N LYS A 212 -2.23 14.23 -3.87
CA LYS A 212 -3.09 14.63 -2.76
C LYS A 212 -4.50 14.96 -3.21
N GLY A 213 -4.65 15.44 -4.45
CA GLY A 213 -5.96 15.85 -4.92
C GLY A 213 -6.88 14.67 -5.20
N ILE A 214 -6.40 13.71 -5.99
CA ILE A 214 -7.23 12.56 -6.33
C ILE A 214 -7.46 11.68 -5.10
N MET A 215 -6.52 11.66 -4.16
CA MET A 215 -6.56 10.72 -3.05
C MET A 215 -7.16 11.29 -1.77
N SER A 216 -7.40 12.59 -1.70
CA SER A 216 -8.11 13.16 -0.57
C SER A 216 -9.59 12.76 -0.62
N GLY A 217 -10.06 12.08 0.42
CA GLY A 217 -11.46 11.69 0.49
C GLY A 217 -11.88 10.65 -0.52
N ALA A 218 -10.94 9.87 -1.06
CA ALA A 218 -11.26 8.95 -2.14
C ALA A 218 -12.02 7.71 -1.69
N GLY A 219 -12.04 7.42 -0.38
CA GLY A 219 -12.67 6.21 0.09
C GLY A 219 -11.80 4.99 -0.16
N THR A 220 -12.44 3.83 -0.31
CA THR A 220 -11.70 2.61 -0.55
C THR A 220 -11.33 2.50 -2.03
N ALA A 221 -10.25 1.76 -2.28
CA ALA A 221 -9.68 1.64 -3.62
C ALA A 221 -9.14 0.23 -3.79
N LEU A 222 -8.84 -0.11 -5.05
CA LEU A 222 -8.21 -1.37 -5.39
C LEU A 222 -6.99 -1.09 -6.26
N MET A 223 -6.24 -2.14 -6.57
CA MET A 223 -4.97 -2.00 -7.27
C MET A 223 -4.82 -3.11 -8.31
N GLY A 224 -4.12 -2.77 -9.38
CA GLY A 224 -3.70 -3.76 -10.36
C GLY A 224 -2.27 -3.55 -10.75
N ILE A 225 -1.54 -4.65 -10.97
CA ILE A 225 -0.15 -4.60 -11.35
C ILE A 225 0.07 -5.45 -12.59
N GLY A 226 1.15 -5.17 -13.29
CA GLY A 226 1.52 -5.93 -14.47
C GLY A 226 2.91 -5.56 -14.92
N SER A 227 3.55 -6.47 -15.64
CA SER A 227 4.91 -6.26 -16.09
C SER A 227 5.17 -7.05 -17.37
N ALA A 228 6.08 -6.54 -18.19
CA ALA A 228 6.39 -7.18 -19.46
C ALA A 228 7.77 -6.71 -19.92
N ARG A 229 8.31 -7.42 -20.91
CA ARG A 229 9.57 -7.06 -21.54
C ARG A 229 9.49 -7.38 -23.03
N GLY A 230 10.39 -6.77 -23.79
CA GLY A 230 10.36 -6.88 -25.24
C GLY A 230 9.68 -5.70 -25.88
N GLU A 231 9.27 -5.89 -27.13
CA GLU A 231 8.54 -4.86 -27.86
C GLU A 231 7.06 -5.02 -27.58
N GLY A 232 6.37 -3.89 -27.40
CA GLY A 232 5.02 -3.89 -26.87
C GLY A 232 4.97 -4.08 -25.38
N ARG A 233 6.11 -3.95 -24.69
CA ARG A 233 6.16 -4.22 -23.25
C ARG A 233 5.24 -3.30 -22.47
N SER A 234 5.15 -2.03 -22.89
CA SER A 234 4.48 -1.04 -22.07
C SER A 234 2.97 -1.29 -22.02
N LEU A 235 2.38 -1.74 -23.13
CA LEU A 235 0.94 -1.95 -23.16
C LEU A 235 0.54 -3.39 -22.87
N LYS A 236 1.47 -4.34 -22.91
CA LYS A 236 1.18 -5.66 -22.36
C LYS A 236 1.13 -5.60 -20.85
N ALA A 237 2.05 -4.84 -20.24
CA ALA A 237 2.02 -4.64 -18.80
C ALA A 237 0.78 -3.86 -18.38
N ALA A 238 0.48 -2.78 -19.10
CA ALA A 238 -0.73 -2.01 -18.80
C ALA A 238 -1.99 -2.85 -19.01
N GLU A 239 -1.96 -3.77 -19.97
CA GLU A 239 -3.08 -4.69 -20.17
C GLU A 239 -3.27 -5.57 -18.94
N ILE A 240 -2.19 -6.21 -18.49
CA ILE A 240 -2.26 -7.09 -17.32
C ILE A 240 -2.72 -6.31 -16.09
N ALA A 241 -2.34 -5.03 -15.99
CA ALA A 241 -2.74 -4.24 -14.83
C ALA A 241 -4.23 -3.95 -14.83
N ILE A 242 -4.80 -3.68 -16.00
CA ILE A 242 -6.23 -3.41 -16.09
C ILE A 242 -7.05 -4.66 -15.80
N ASN A 243 -6.52 -5.83 -16.17
CA ASN A 243 -7.23 -7.09 -15.98
C ASN A 243 -6.65 -7.89 -14.82
N SER A 244 -6.12 -7.21 -13.81
CA SER A 244 -5.50 -7.90 -12.69
C SER A 244 -6.58 -8.52 -11.80
N PRO A 245 -6.46 -9.80 -11.43
CA PRO A 245 -7.36 -10.34 -10.40
C PRO A 245 -7.49 -9.45 -9.18
N LEU A 246 -6.40 -8.78 -8.80
CA LEU A 246 -6.41 -7.92 -7.62
C LEU A 246 -7.39 -6.76 -7.78
N LEU A 247 -7.66 -6.35 -9.02
CA LEU A 247 -8.54 -5.21 -9.27
C LEU A 247 -10.01 -5.59 -9.33
N GLU A 248 -10.34 -6.90 -9.33
CA GLU A 248 -11.72 -7.37 -9.30
C GLU A 248 -12.54 -6.76 -10.43
N ALA A 249 -11.93 -6.61 -11.60
CA ALA A 249 -12.61 -6.13 -12.81
C ALA A 249 -13.37 -4.83 -12.55
N SER A 250 -12.97 -4.05 -11.54
CA SER A 250 -13.68 -2.84 -11.17
C SER A 250 -13.21 -1.62 -11.96
N MET A 251 -12.52 -1.82 -13.09
CA MET A 251 -11.84 -0.72 -13.76
C MET A 251 -12.85 0.20 -14.46
N GLU A 252 -13.74 -0.37 -15.27
CA GLU A 252 -14.61 0.43 -16.11
C GLU A 252 -15.42 1.43 -15.30
N GLY A 253 -15.72 1.13 -14.04
CA GLY A 253 -16.61 1.96 -13.25
C GLY A 253 -15.90 2.69 -12.12
N ALA A 254 -14.64 3.04 -12.31
CA ALA A 254 -13.86 3.77 -11.32
C ALA A 254 -13.82 5.25 -11.70
N GLN A 255 -14.12 6.11 -10.73
CA GLN A 255 -14.13 7.55 -10.97
C GLN A 255 -12.80 8.23 -10.66
N GLY A 256 -11.92 7.57 -9.91
CA GLY A 256 -10.58 8.07 -9.69
C GLY A 256 -9.58 6.99 -9.95
N VAL A 257 -8.51 7.35 -10.68
CA VAL A 257 -7.46 6.39 -11.04
C VAL A 257 -6.11 7.09 -10.94
N LEU A 258 -5.18 6.47 -10.23
CA LEU A 258 -3.79 6.92 -10.16
C LEU A 258 -2.93 5.82 -10.79
N MET A 259 -2.23 6.16 -11.87
CA MET A 259 -1.43 5.19 -12.60
C MET A 259 0.04 5.59 -12.58
N SER A 260 0.91 4.59 -12.44
CA SER A 260 2.35 4.79 -12.53
C SER A 260 2.94 3.71 -13.43
N ILE A 261 3.89 4.12 -14.27
CA ILE A 261 4.63 3.20 -15.12
C ILE A 261 6.10 3.36 -14.81
N ALA A 262 6.76 2.26 -14.48
CA ALA A 262 8.15 2.27 -14.03
C ALA A 262 9.04 1.61 -15.08
N GLY A 263 10.17 2.25 -15.36
CA GLY A 263 11.13 1.71 -16.31
C GLY A 263 12.46 2.43 -16.18
N GLY A 264 13.46 1.84 -16.82
CA GLY A 264 14.75 2.50 -16.90
C GLY A 264 14.64 3.82 -17.61
N SER A 265 15.75 4.57 -17.58
CA SER A 265 15.81 5.79 -18.39
C SER A 265 15.73 5.50 -19.89
N ASP A 266 15.82 4.23 -20.27
CA ASP A 266 15.58 3.76 -21.63
C ASP A 266 14.11 3.87 -22.06
N LEU A 267 13.24 4.35 -21.18
CA LEU A 267 11.79 4.32 -21.42
C LEU A 267 11.42 5.49 -22.34
N GLY A 268 10.92 5.17 -23.53
CA GLY A 268 10.66 6.19 -24.53
C GLY A 268 9.28 6.81 -24.44
N LEU A 269 9.16 8.01 -25.01
CA LEU A 269 7.87 8.70 -25.03
C LEU A 269 6.79 7.88 -25.69
N PHE A 270 7.14 7.07 -26.70
CA PHE A 270 6.12 6.31 -27.42
C PHE A 270 5.51 5.24 -26.53
N GLU A 271 6.35 4.45 -25.85
CA GLU A 271 5.86 3.47 -24.89
C GLU A 271 4.94 4.14 -23.87
N ILE A 272 5.44 5.18 -23.22
CA ILE A 272 4.67 5.89 -22.21
C ILE A 272 3.29 6.29 -22.75
N ASN A 273 3.24 6.69 -24.01
CA ASN A 273 2.01 7.27 -24.55
C ASN A 273 0.96 6.20 -24.83
N GLU A 274 1.37 5.02 -25.32
CA GLU A 274 0.41 3.98 -25.63
C GLU A 274 -0.20 3.39 -24.36
N ALA A 275 0.61 3.24 -23.30
CA ALA A 275 0.08 2.78 -22.03
C ALA A 275 -0.84 3.83 -21.42
N ALA A 276 -0.43 5.11 -21.46
CA ALA A 276 -1.27 6.18 -20.95
C ALA A 276 -2.60 6.23 -21.68
N SER A 277 -2.59 5.94 -22.99
CA SER A 277 -3.83 5.98 -23.76
C SER A 277 -4.72 4.79 -23.45
N LEU A 278 -4.12 3.61 -23.29
CA LEU A 278 -4.91 2.40 -23.08
C LEU A 278 -5.65 2.41 -21.75
N VAL A 279 -5.17 3.16 -20.77
CA VAL A 279 -5.86 3.24 -19.49
C VAL A 279 -6.91 4.35 -19.47
N GLN A 280 -6.69 5.43 -20.22
CA GLN A 280 -7.77 6.40 -20.41
C GLN A 280 -8.93 5.78 -21.17
N ASP A 281 -8.64 4.89 -22.11
CA ASP A 281 -9.69 4.21 -22.86
C ASP A 281 -10.44 3.23 -21.97
N ALA A 282 -9.72 2.42 -21.20
CA ALA A 282 -10.35 1.42 -20.34
C ALA A 282 -11.04 2.01 -19.12
N ALA A 283 -10.87 3.30 -18.86
CA ALA A 283 -11.47 3.94 -17.70
C ALA A 283 -12.83 4.51 -18.06
N HIS A 284 -13.61 4.83 -17.03
CA HIS A 284 -14.87 5.52 -17.22
C HIS A 284 -14.62 6.85 -17.92
N PRO A 285 -15.48 7.28 -18.84
CA PRO A 285 -15.22 8.56 -19.53
C PRO A 285 -15.23 9.76 -18.60
N ASP A 286 -16.04 9.75 -17.54
CA ASP A 286 -16.07 10.83 -16.57
C ASP A 286 -15.01 10.66 -15.48
N ALA A 287 -14.02 9.79 -15.68
CA ALA A 287 -13.09 9.44 -14.63
C ALA A 287 -11.94 10.44 -14.56
N ASN A 288 -11.47 10.66 -13.34
CA ASN A 288 -10.33 11.54 -13.07
C ASN A 288 -9.07 10.67 -12.99
N ILE A 289 -8.16 10.87 -13.94
CA ILE A 289 -6.97 10.03 -14.07
C ILE A 289 -5.74 10.91 -13.90
N ILE A 290 -4.85 10.52 -12.99
CA ILE A 290 -3.57 11.19 -12.78
C ILE A 290 -2.47 10.14 -12.97
N PHE A 291 -1.42 10.52 -13.68
CA PHE A 291 -0.55 9.54 -14.30
C PHE A 291 0.88 10.05 -14.31
N GLY A 292 1.84 9.15 -14.10
CA GLY A 292 3.23 9.54 -13.95
C GLY A 292 4.18 8.41 -14.27
N THR A 293 5.37 8.79 -14.74
CA THR A 293 6.44 7.85 -15.01
C THR A 293 7.37 7.75 -13.82
N VAL A 294 7.99 6.59 -13.64
CA VAL A 294 8.93 6.34 -12.55
C VAL A 294 10.20 5.74 -13.13
N ILE A 295 11.34 6.20 -12.63
CA ILE A 295 12.65 5.83 -13.14
C ILE A 295 13.25 4.78 -12.20
N ASP A 296 13.58 3.62 -12.75
CA ASP A 296 14.34 2.60 -12.02
C ASP A 296 15.19 1.85 -13.05
N ASP A 297 16.49 2.09 -13.03
CA ASP A 297 17.41 1.45 -13.96
C ASP A 297 17.71 -0.01 -13.60
N SER A 298 17.19 -0.50 -12.47
CA SER A 298 17.52 -1.85 -12.02
C SER A 298 16.61 -2.92 -12.64
N LEU A 299 15.36 -2.58 -12.99
CA LEU A 299 14.46 -3.51 -13.66
C LEU A 299 14.99 -3.91 -15.04
N GLY A 300 16.01 -3.23 -15.53
CA GLY A 300 16.55 -3.52 -16.84
C GLY A 300 15.44 -3.42 -17.86
N ASP A 301 15.21 -4.50 -18.62
CA ASP A 301 14.26 -4.47 -19.72
C ASP A 301 12.81 -4.35 -19.26
N GLU A 302 12.50 -4.81 -18.06
CA GLU A 302 11.12 -4.89 -17.61
C GLU A 302 10.49 -3.51 -17.48
N VAL A 303 9.20 -3.45 -17.76
CA VAL A 303 8.36 -2.29 -17.45
C VAL A 303 7.29 -2.75 -16.48
N ARG A 304 7.01 -1.93 -15.47
CA ARG A 304 5.97 -2.22 -14.48
C ARG A 304 4.91 -1.13 -14.54
N VAL A 305 3.64 -1.55 -14.59
CA VAL A 305 2.51 -0.64 -14.54
C VAL A 305 1.72 -0.92 -13.28
N THR A 306 1.20 0.14 -12.67
CA THR A 306 0.43 0.02 -11.44
C THR A 306 -0.76 0.97 -11.51
N VAL A 307 -1.94 0.46 -11.16
CA VAL A 307 -3.19 1.20 -11.31
C VAL A 307 -3.93 1.16 -9.98
N ILE A 308 -4.22 2.33 -9.42
CA ILE A 308 -5.00 2.47 -8.20
C ILE A 308 -6.35 3.07 -8.59
N ALA A 309 -7.43 2.30 -8.40
CA ALA A 309 -8.77 2.72 -8.81
C ALA A 309 -9.64 2.92 -7.58
N ALA A 310 -10.31 4.07 -7.49
CA ALA A 310 -11.06 4.45 -6.31
C ALA A 310 -12.49 4.85 -6.66
N GLY A 311 -13.38 4.65 -5.70
CA GLY A 311 -14.66 5.35 -5.71
C GLY A 311 -15.74 4.83 -6.62
N PHE A 312 -16.22 3.62 -6.35
CA PHE A 312 -17.27 3.04 -7.19
C PHE A 312 -18.66 3.20 -6.60
#